data_6GIP
#
_entry.id   6GIP
#
_cell.length_a   66.849
_cell.length_b   66.849
_cell.length_c   139.932
_cell.angle_alpha   90.000
_cell.angle_beta   90.000
_cell.angle_gamma   120.000
#
_symmetry.space_group_name_H-M   'P 32 2 1'
#
loop_
_entity.id
_entity.type
_entity.pdbx_description
1 polymer 'Activin receptor type-1'
2 non-polymer 2,5-dimethyl-6-quinolin-4-yl-3~{H}-quinazolin-4-one
3 non-polymer 'SULFATE ION'
4 non-polymer 1,2-ETHANEDIOL
5 water water
#
_entity_poly.entity_id   1
_entity_poly.type   'polypeptide(L)'
_entity_poly.pdbx_seq_one_letter_code
;SMQRTVARDITLLECVGKGRYGEVWRGSWQGENVAVKIFSSRDEKSWFRETELYNTVMLRHENILGFIASDMTSRHSSTQ
LWLITHYHEMGSLYDYLQLTTLDTVSCLRIVLSIASGLAHLHIEIFGTQGKPAIAHRDLKSKNILVKKNGQCCIADLGLA
VMHSQSTNQLDVGNNPRVGTKRYMAPEVLDETIQVDCFDSYKRVDIWAFGLVLWEVARRMVSNGIVEDYKPPFYDVVPND
PSFEDMRKVVCVDQQRPNIPNRWFSDPTLTSLAKLMKECWYQNPSARLTALRIKKTLTKID
;
_entity_poly.pdbx_strand_id   A
#
# COMPACT_ATOMS: atom_id res chain seq x y z
N VAL A 6 -22.38 7.57 15.38
CA VAL A 6 -21.56 6.99 14.32
C VAL A 6 -21.22 5.53 14.60
N ALA A 7 -20.31 5.31 15.55
CA ALA A 7 -19.94 3.94 15.89
C ALA A 7 -21.08 3.22 16.59
N ARG A 8 -21.72 3.89 17.55
CA ARG A 8 -22.85 3.32 18.27
C ARG A 8 -24.10 3.46 17.39
N ASP A 9 -23.86 3.50 16.07
CA ASP A 9 -24.85 3.72 15.02
C ASP A 9 -24.74 2.70 13.89
N ILE A 10 -23.68 1.89 13.88
CA ILE A 10 -23.36 0.97 12.79
C ILE A 10 -23.68 -0.44 13.26
N THR A 11 -24.28 -1.22 12.38
CA THR A 11 -24.54 -2.62 12.65
C THR A 11 -23.37 -3.44 12.11
N LEU A 12 -22.54 -3.98 13.00
CA LEU A 12 -21.49 -4.89 12.58
C LEU A 12 -22.12 -6.17 12.03
N LEU A 13 -21.87 -6.48 10.76
CA LEU A 13 -22.55 -7.60 10.12
C LEU A 13 -21.67 -8.82 9.91
N GLU A 14 -20.36 -8.63 9.71
CA GLU A 14 -19.50 -9.74 9.31
C GLU A 14 -18.06 -9.32 9.55
N CYS A 15 -17.30 -10.18 10.23
CA CYS A 15 -15.87 -9.94 10.38
C CYS A 15 -15.16 -10.46 9.14
N VAL A 16 -14.54 -9.55 8.38
CA VAL A 16 -13.86 -9.93 7.15
C VAL A 16 -12.35 -9.97 7.34
N GLY A 17 -11.87 -9.80 8.58
CA GLY A 17 -10.43 -9.73 8.84
C GLY A 17 -10.12 -9.68 10.32
N LYS A 18 -9.10 -10.43 10.74
CA LYS A 18 -8.70 -10.46 12.14
C LYS A 18 -7.19 -10.67 12.17
N GLY A 19 -6.50 -9.97 13.06
CA GLY A 19 -5.06 -10.08 13.09
C GLY A 19 -4.48 -9.23 14.19
N ARG A 20 -3.15 -9.16 14.22
CA ARG A 20 -2.50 -8.40 15.27
C ARG A 20 -2.95 -6.95 15.27
N TYR A 21 -3.45 -6.46 14.14
CA TYR A 21 -3.89 -5.07 14.06
C TYR A 21 -5.22 -4.86 14.76
N GLY A 22 -6.05 -5.89 14.85
CA GLY A 22 -7.40 -5.80 15.35
C GLY A 22 -8.32 -6.63 14.49
N GLU A 23 -9.44 -6.05 14.09
CA GLU A 23 -10.41 -6.75 13.24
C GLU A 23 -11.03 -5.77 12.28
N VAL A 24 -11.41 -6.28 11.10
CA VAL A 24 -12.15 -5.49 10.14
C VAL A 24 -13.53 -6.11 9.96
N TRP A 25 -14.55 -5.27 9.97
CA TRP A 25 -15.93 -5.69 9.83
C TRP A 25 -16.54 -5.01 8.63
N ARG A 26 -17.43 -5.73 7.97
CA ARG A 26 -18.39 -5.12 7.07
C ARG A 26 -19.60 -4.73 7.90
N GLY A 27 -19.91 -3.44 7.91
CA GLY A 27 -21.06 -2.98 8.64
C GLY A 27 -22.08 -2.30 7.77
N SER A 28 -23.30 -2.20 8.27
CA SER A 28 -24.31 -1.36 7.69
C SER A 28 -24.33 -0.03 8.42
N TRP A 29 -24.45 1.06 7.68
CA TRP A 29 -24.53 2.39 8.24
C TRP A 29 -25.38 3.22 7.27
N GLN A 30 -26.55 3.65 7.73
CA GLN A 30 -27.45 4.42 6.86
C GLN A 30 -27.82 3.63 5.62
N GLY A 31 -28.02 2.32 5.78
CA GLY A 31 -28.48 1.47 4.70
C GLY A 31 -27.45 1.15 3.63
N GLU A 32 -26.17 1.25 3.95
CA GLU A 32 -25.11 1.01 2.98
C GLU A 32 -23.94 0.32 3.68
N ASN A 33 -23.19 -0.45 2.91
CA ASN A 33 -22.03 -1.15 3.47
C ASN A 33 -20.91 -0.18 3.81
N VAL A 34 -20.26 -0.41 4.94
CA VAL A 34 -19.03 0.30 5.30
C VAL A 34 -18.07 -0.71 5.89
N ALA A 35 -16.79 -0.34 5.86
CA ALA A 35 -15.73 -1.10 6.50
C ALA A 35 -15.41 -0.46 7.85
N VAL A 36 -15.29 -1.28 8.87
CA VAL A 36 -15.06 -0.81 10.24
C VAL A 36 -13.85 -1.53 10.77
N LYS A 37 -12.77 -0.79 10.98
CA LYS A 37 -11.61 -1.36 11.66
C LYS A 37 -11.67 -1.00 13.14
N ILE A 38 -11.63 -2.02 13.98
CA ILE A 38 -11.50 -1.85 15.41
C ILE A 38 -10.08 -2.26 15.75
N PHE A 39 -9.29 -1.31 16.21
CA PHE A 39 -7.87 -1.56 16.40
C PHE A 39 -7.62 -2.36 17.66
N SER A 40 -6.56 -3.17 17.61
CA SER A 40 -6.07 -3.80 18.82
C SER A 40 -5.45 -2.76 19.74
N SER A 41 -5.39 -3.08 21.03
CA SER A 41 -4.77 -2.15 21.98
C SER A 41 -3.29 -1.98 21.70
N ARG A 42 -2.63 -3.03 21.21
CA ARG A 42 -1.22 -2.93 20.83
C ARG A 42 -1.00 -1.97 19.68
N ASP A 43 -2.05 -1.53 18.99
CA ASP A 43 -1.89 -0.77 17.75
C ASP A 43 -2.61 0.58 17.81
N GLU A 44 -2.77 1.14 19.00
CA GLU A 44 -3.50 2.39 19.14
C GLU A 44 -2.85 3.51 18.34
N LYS A 45 -1.52 3.52 18.31
CA LYS A 45 -0.85 4.62 17.64
C LYS A 45 -1.12 4.63 16.16
N SER A 46 -1.31 3.46 15.55
CA SER A 46 -1.74 3.42 14.16
C SER A 46 -3.09 4.10 13.99
N TRP A 47 -4.01 3.88 14.94
CA TRP A 47 -5.31 4.58 14.87
C TRP A 47 -5.14 6.08 15.01
N PHE A 48 -4.32 6.55 15.96
CA PHE A 48 -4.09 8.00 16.03
C PHE A 48 -3.54 8.53 14.70
N ARG A 49 -2.55 7.84 14.13
CA ARG A 49 -1.94 8.30 12.89
C ARG A 49 -2.95 8.37 11.75
N GLU A 50 -3.73 7.29 11.56
CA GLU A 50 -4.72 7.31 10.49
C GLU A 50 -5.80 8.36 10.73
N THR A 51 -6.25 8.51 11.99
CA THR A 51 -7.19 9.58 12.30
C THR A 51 -6.57 10.94 11.96
N GLU A 52 -5.28 11.13 12.23
CA GLU A 52 -4.64 12.39 11.89
C GLU A 52 -4.64 12.59 10.37
N LEU A 53 -4.21 11.58 9.62
CA LEU A 53 -4.10 11.74 8.17
C LEU A 53 -5.47 11.93 7.53
N TYR A 54 -6.48 11.20 8.00
CA TYR A 54 -7.79 11.28 7.37
C TYR A 54 -8.55 12.52 7.79
N ASN A 55 -8.53 12.83 9.09
CA ASN A 55 -9.30 13.95 9.64
C ASN A 55 -8.53 15.25 9.57
N THR A 56 -7.36 15.32 10.22
CA THR A 56 -6.59 16.56 10.26
C THR A 56 -6.05 16.90 8.88
N VAL A 57 -5.36 15.96 8.25
CA VAL A 57 -4.82 16.24 6.93
C VAL A 57 -5.88 16.14 5.85
N MET A 58 -7.02 15.52 6.15
CA MET A 58 -8.11 15.42 5.17
C MET A 58 -7.65 14.70 3.91
N LEU A 59 -6.92 13.61 4.10
CA LEU A 59 -6.37 12.85 2.99
C LEU A 59 -7.51 12.20 2.23
N ARG A 60 -7.63 12.53 0.93
CA ARG A 60 -8.75 12.07 0.14
C ARG A 60 -8.33 12.07 -1.32
N HIS A 61 -8.57 10.95 -1.99
CA HIS A 61 -8.21 10.75 -3.40
C HIS A 61 -8.93 9.50 -3.87
N GLU A 62 -9.18 9.42 -5.18
CA GLU A 62 -9.92 8.25 -5.67
C GLU A 62 -9.13 6.97 -5.47
N ASN A 63 -7.81 7.04 -5.34
CA ASN A 63 -7.01 5.85 -5.14
C ASN A 63 -6.42 5.78 -3.73
N ILE A 64 -7.11 6.39 -2.77
CA ILE A 64 -6.84 6.25 -1.35
C ILE A 64 -8.14 5.77 -0.72
N LEU A 65 -8.08 4.74 0.10
CA LEU A 65 -9.28 4.22 0.76
C LEU A 65 -10.12 5.38 1.31
N GLY A 66 -11.42 5.36 1.02
CA GLY A 66 -12.30 6.46 1.36
C GLY A 66 -12.66 6.55 2.84
N PHE A 67 -12.19 7.59 3.51
CA PHE A 67 -12.47 7.78 4.93
C PHE A 67 -13.90 8.23 5.17
N ILE A 68 -14.54 7.65 6.18
CA ILE A 68 -15.84 8.12 6.64
C ILE A 68 -15.76 8.76 8.04
N ALA A 69 -15.27 8.02 9.02
CA ALA A 69 -15.21 8.59 10.37
C ALA A 69 -14.22 7.82 11.23
N SER A 70 -13.67 8.52 12.21
CA SER A 70 -13.02 7.92 13.36
C SER A 70 -13.97 7.97 14.55
N ASP A 71 -13.91 6.96 15.41
CA ASP A 71 -14.72 7.01 16.61
C ASP A 71 -14.06 6.21 17.72
N MET A 72 -14.49 6.50 18.94
CA MET A 72 -14.11 5.72 20.10
C MET A 72 -15.39 5.28 20.81
N THR A 73 -15.37 4.06 21.31
CA THR A 73 -16.52 3.49 21.96
C THR A 73 -16.00 2.79 23.20
N SER A 74 -16.66 3.00 24.35
CA SER A 74 -16.29 2.33 25.57
C SER A 74 -17.28 1.20 25.83
N ARG A 75 -16.77 -0.01 25.96
CA ARG A 75 -17.59 -1.15 26.35
C ARG A 75 -16.70 -2.08 27.13
N HIS A 76 -17.29 -2.76 28.10
CA HIS A 76 -16.55 -3.78 28.83
C HIS A 76 -15.32 -3.20 29.51
N SER A 77 -15.45 -1.96 29.98
CA SER A 77 -14.41 -1.32 30.78
C SER A 77 -13.13 -1.15 29.97
N SER A 78 -13.29 -0.87 28.69
CA SER A 78 -12.17 -0.51 27.84
C SER A 78 -12.70 0.26 26.66
N THR A 79 -11.82 1.00 26.00
CA THR A 79 -12.26 1.90 24.92
C THR A 79 -11.72 1.39 23.60
N GLN A 80 -12.63 1.13 22.66
CA GLN A 80 -12.29 0.70 21.30
C GLN A 80 -12.11 1.89 20.37
N LEU A 81 -11.13 1.78 19.47
CA LEU A 81 -10.84 2.81 18.49
C LEU A 81 -11.30 2.29 17.13
N TRP A 82 -12.25 3.01 16.53
CA TRP A 82 -12.89 2.63 15.28
C TRP A 82 -12.40 3.53 14.16
N LEU A 83 -12.16 2.93 13.02
CA LEU A 83 -11.94 3.62 11.75
C LEU A 83 -12.97 3.10 10.78
N ILE A 84 -13.86 3.97 10.31
CA ILE A 84 -14.91 3.58 9.38
C ILE A 84 -14.56 4.18 8.03
N THR A 85 -14.61 3.35 6.97
CA THR A 85 -14.25 3.77 5.62
C THR A 85 -15.24 3.14 4.65
N HIS A 86 -15.10 3.52 3.37
N HIS A 86 -15.12 3.51 3.38
CA HIS A 86 -15.85 2.87 2.29
CA HIS A 86 -15.96 2.87 2.38
C HIS A 86 -15.62 1.37 2.35
C HIS A 86 -15.63 1.39 2.33
N TYR A 87 -16.62 0.60 1.90
CA TYR A 87 -16.49 -0.84 1.81
C TYR A 87 -16.33 -1.26 0.35
N HIS A 88 -15.31 -2.07 0.08
CA HIS A 88 -15.06 -2.58 -1.27
C HIS A 88 -15.34 -4.08 -1.30
N GLU A 89 -16.40 -4.46 -2.00
CA GLU A 89 -16.80 -5.87 -2.02
C GLU A 89 -15.67 -6.77 -2.51
N MET A 90 -14.86 -6.29 -3.44
CA MET A 90 -13.86 -7.16 -4.02
C MET A 90 -12.62 -7.33 -3.15
N GLY A 91 -12.55 -6.64 -2.00
CA GLY A 91 -11.50 -6.87 -1.04
C GLY A 91 -10.12 -6.39 -1.50
N SER A 92 -9.10 -7.04 -0.95
CA SER A 92 -7.73 -6.61 -1.15
C SER A 92 -7.21 -7.05 -2.51
N LEU A 93 -6.26 -6.28 -3.04
CA LEU A 93 -5.59 -6.67 -4.27
C LEU A 93 -4.98 -8.06 -4.13
N TYR A 94 -4.42 -8.36 -2.95
CA TYR A 94 -3.87 -9.67 -2.66
C TYR A 94 -4.89 -10.78 -2.84
N ASP A 95 -6.13 -10.57 -2.40
CA ASP A 95 -7.18 -11.56 -2.60
C ASP A 95 -7.65 -11.55 -4.05
N TYR A 96 -7.87 -10.36 -4.60
CA TYR A 96 -8.37 -10.23 -5.96
C TYR A 96 -7.46 -10.96 -6.96
N LEU A 97 -6.15 -10.81 -6.81
CA LEU A 97 -5.21 -11.36 -7.77
C LEU A 97 -5.26 -12.87 -7.82
N GLN A 98 -5.81 -13.52 -6.80
CA GLN A 98 -5.89 -14.98 -6.81
C GLN A 98 -7.19 -15.49 -7.41
N LEU A 99 -8.16 -14.59 -7.63
CA LEU A 99 -9.46 -14.98 -8.14
C LEU A 99 -9.60 -14.77 -9.63
N THR A 100 -8.71 -14.02 -10.26
CA THR A 100 -8.86 -13.74 -11.68
C THR A 100 -7.50 -13.51 -12.32
N THR A 101 -7.45 -13.74 -13.63
CA THR A 101 -6.39 -13.21 -14.48
C THR A 101 -6.80 -11.84 -14.98
N LEU A 102 -5.82 -11.12 -15.53
CA LEU A 102 -6.02 -9.77 -16.00
C LEU A 102 -5.77 -9.70 -17.50
N ASP A 103 -6.44 -8.77 -18.17
CA ASP A 103 -6.06 -8.41 -19.53
C ASP A 103 -5.29 -7.10 -19.46
N THR A 104 -4.82 -6.61 -20.61
CA THR A 104 -3.96 -5.44 -20.61
C THR A 104 -4.65 -4.25 -19.96
N VAL A 105 -5.88 -3.94 -20.38
CA VAL A 105 -6.60 -2.79 -19.83
C VAL A 105 -6.73 -2.90 -18.31
N SER A 106 -7.13 -4.09 -17.83
N SER A 106 -7.13 -4.09 -17.83
CA SER A 106 -7.35 -4.26 -16.40
CA SER A 106 -7.33 -4.27 -16.41
C SER A 106 -6.03 -4.22 -15.62
C SER A 106 -6.01 -4.18 -15.65
N CYS A 107 -4.95 -4.77 -16.20
CA CYS A 107 -3.67 -4.69 -15.53
C CYS A 107 -3.22 -3.24 -15.40
N LEU A 108 -3.19 -2.50 -16.52
CA LEU A 108 -2.76 -1.11 -16.47
C LEU A 108 -3.63 -0.31 -15.51
N ARG A 109 -4.94 -0.55 -15.53
CA ARG A 109 -5.83 0.19 -14.66
C ARG A 109 -5.46 -0.02 -13.20
N ILE A 110 -5.15 -1.27 -12.83
CA ILE A 110 -4.73 -1.52 -11.46
C ILE A 110 -3.43 -0.78 -11.16
N VAL A 111 -2.41 -0.93 -12.02
CA VAL A 111 -1.12 -0.39 -11.59
C VAL A 111 -1.11 1.12 -11.73
N LEU A 112 -1.81 1.66 -12.72
CA LEU A 112 -1.84 3.11 -12.84
C LEU A 112 -2.54 3.73 -11.64
N SER A 113 -3.65 3.13 -11.20
CA SER A 113 -4.38 3.68 -10.06
C SER A 113 -3.56 3.64 -8.77
N ILE A 114 -2.87 2.52 -8.50
CA ILE A 114 -1.95 2.49 -7.36
C ILE A 114 -0.90 3.59 -7.49
N ALA A 115 -0.32 3.74 -8.69
CA ALA A 115 0.65 4.79 -8.93
C ALA A 115 0.07 6.18 -8.69
N SER A 116 -1.19 6.39 -9.10
CA SER A 116 -1.82 7.71 -8.89
C SER A 116 -2.09 7.96 -7.41
N GLY A 117 -2.44 6.92 -6.65
CA GLY A 117 -2.61 7.10 -5.21
C GLY A 117 -1.28 7.38 -4.52
N LEU A 118 -0.23 6.65 -4.90
CA LEU A 118 1.07 6.86 -4.31
C LEU A 118 1.64 8.23 -4.69
N ALA A 119 1.48 8.64 -5.95
CA ALA A 119 1.89 9.97 -6.33
C ALA A 119 1.13 11.03 -5.53
N HIS A 120 -0.17 10.82 -5.30
CA HIS A 120 -0.92 11.76 -4.47
C HIS A 120 -0.33 11.86 -3.08
N LEU A 121 -0.07 10.71 -2.44
CA LEU A 121 0.62 10.68 -1.17
C LEU A 121 1.91 11.50 -1.21
N HIS A 122 2.80 11.19 -2.16
CA HIS A 122 4.16 11.69 -2.11
C HIS A 122 4.28 13.17 -2.43
N ILE A 123 3.34 13.72 -3.21
CA ILE A 123 3.50 15.08 -3.72
C ILE A 123 2.81 16.03 -2.75
N GLU A 124 3.55 17.02 -2.27
CA GLU A 124 2.97 18.04 -1.42
C GLU A 124 2.04 18.93 -2.24
N ILE A 125 0.94 19.32 -1.63
CA ILE A 125 0.00 20.28 -2.20
C ILE A 125 0.22 21.59 -1.48
N PHE A 126 0.27 22.68 -2.24
CA PHE A 126 0.60 23.94 -1.64
C PHE A 126 -0.67 24.73 -1.32
N GLY A 127 -0.53 25.97 -0.91
CA GLY A 127 -1.66 26.73 -0.45
C GLY A 127 -1.93 26.56 1.03
N THR A 128 -2.93 27.30 1.52
CA THR A 128 -2.98 27.65 2.93
C THR A 128 -3.15 26.43 3.83
N GLN A 129 -3.90 25.41 3.41
CA GLN A 129 -3.95 24.17 4.20
C GLN A 129 -3.67 22.97 3.31
N GLY A 130 -2.63 23.09 2.48
CA GLY A 130 -2.33 22.04 1.51
C GLY A 130 -1.66 20.82 2.13
N LYS A 131 -2.06 19.67 1.63
CA LYS A 131 -1.56 18.37 2.09
C LYS A 131 -0.03 18.36 2.16
N PRO A 132 0.57 17.88 3.25
CA PRO A 132 2.00 17.60 3.23
C PRO A 132 2.31 16.46 2.26
N ALA A 133 3.58 16.37 1.89
CA ALA A 133 4.08 15.13 1.31
C ALA A 133 3.99 14.02 2.35
N ILE A 134 3.61 12.83 1.91
CA ILE A 134 3.32 11.71 2.78
C ILE A 134 3.95 10.45 2.20
N ALA A 135 4.73 9.74 3.00
CA ALA A 135 5.23 8.43 2.65
C ALA A 135 4.47 7.39 3.46
N HIS A 136 4.11 6.29 2.78
CA HIS A 136 3.16 5.32 3.32
C HIS A 136 3.83 4.34 4.30
N ARG A 137 4.89 3.70 3.85
CA ARG A 137 5.81 2.86 4.62
C ARG A 137 5.32 1.45 4.90
N ASP A 138 4.13 1.05 4.44
CA ASP A 138 3.72 -0.33 4.52
C ASP A 138 2.89 -0.66 3.29
N LEU A 139 3.37 -0.24 2.13
CA LEU A 139 2.71 -0.52 0.86
C LEU A 139 2.88 -1.99 0.53
N LYS A 140 1.80 -2.61 0.08
CA LYS A 140 1.76 -4.04 -0.23
C LYS A 140 0.35 -4.37 -0.69
N SER A 141 0.20 -5.54 -1.32
CA SER A 141 -1.04 -5.85 -2.02
C SER A 141 -2.19 -6.09 -1.03
N LYS A 142 -1.89 -6.56 0.19
CA LYS A 142 -2.96 -6.65 1.17
C LYS A 142 -3.43 -5.28 1.63
N ASN A 143 -2.65 -4.23 1.39
CA ASN A 143 -3.02 -2.90 1.83
C ASN A 143 -3.65 -2.10 0.71
N ILE A 144 -4.06 -2.76 -0.36
CA ILE A 144 -4.69 -2.13 -1.50
C ILE A 144 -6.02 -2.79 -1.74
N LEU A 145 -7.07 -2.00 -1.87
CA LEU A 145 -8.39 -2.53 -2.17
C LEU A 145 -8.70 -2.35 -3.66
N VAL A 146 -9.48 -3.27 -4.19
CA VAL A 146 -9.91 -3.24 -5.59
C VAL A 146 -11.34 -2.70 -5.61
N LYS A 147 -11.56 -1.63 -6.36
CA LYS A 147 -12.89 -1.03 -6.45
C LYS A 147 -13.67 -1.66 -7.60
N LYS A 148 -14.99 -1.47 -7.57
CA LYS A 148 -15.79 -2.09 -8.61
C LYS A 148 -15.39 -1.61 -10.01
N ASN A 149 -14.92 -0.36 -10.14
CA ASN A 149 -14.56 0.15 -11.47
C ASN A 149 -13.20 -0.36 -11.95
N GLY A 150 -12.54 -1.25 -11.21
CA GLY A 150 -11.29 -1.82 -11.61
C GLY A 150 -10.07 -1.05 -11.16
N GLN A 151 -10.24 0.19 -10.74
CA GLN A 151 -9.13 0.86 -10.09
C GLN A 151 -8.99 0.33 -8.67
N CYS A 152 -7.88 0.71 -8.05
CA CYS A 152 -7.53 0.36 -6.67
C CYS A 152 -7.44 1.60 -5.81
N CYS A 153 -7.36 1.37 -4.50
CA CYS A 153 -7.06 2.42 -3.55
C CYS A 153 -6.18 1.87 -2.45
N ILE A 154 -5.21 2.69 -2.04
CA ILE A 154 -4.25 2.38 -1.00
C ILE A 154 -4.89 2.59 0.37
N ALA A 155 -4.69 1.65 1.28
CA ALA A 155 -5.19 1.80 2.64
C ALA A 155 -4.04 1.72 3.64
N ASP A 156 -4.38 1.93 4.91
CA ASP A 156 -3.52 1.78 6.07
C ASP A 156 -2.47 2.88 6.12
N LEU A 157 -2.84 4.01 6.71
CA LEU A 157 -1.90 5.10 6.86
C LEU A 157 -1.25 5.11 8.23
N GLY A 158 -1.32 3.99 8.95
CA GLY A 158 -0.87 3.97 10.33
C GLY A 158 0.59 4.29 10.50
N LEU A 159 1.40 4.07 9.46
CA LEU A 159 2.84 4.37 9.53
C LEU A 159 3.22 5.58 8.69
N ALA A 160 2.25 6.39 8.29
CA ALA A 160 2.55 7.48 7.38
C ALA A 160 3.57 8.42 8.01
N VAL A 161 4.38 8.99 7.14
CA VAL A 161 5.35 10.01 7.50
C VAL A 161 5.05 11.24 6.65
N MET A 162 5.17 12.41 7.25
CA MET A 162 4.80 13.64 6.55
C MET A 162 5.97 14.61 6.50
N HIS A 163 6.04 15.34 5.39
CA HIS A 163 7.05 16.34 5.17
C HIS A 163 6.42 17.57 4.52
N SER A 164 6.93 18.73 4.90
CA SER A 164 6.53 19.99 4.30
C SER A 164 7.79 20.74 3.89
N GLN A 165 7.93 21.02 2.59
CA GLN A 165 9.14 21.66 2.09
C GLN A 165 9.32 23.04 2.71
N SER A 166 8.24 23.82 2.78
CA SER A 166 8.31 25.17 3.32
C SER A 166 9.10 25.20 4.61
N THR A 167 8.56 24.55 5.65
CA THR A 167 9.23 24.46 6.94
C THR A 167 10.36 23.42 6.96
N ASN A 168 10.44 22.58 5.94
CA ASN A 168 11.33 21.43 5.96
C ASN A 168 11.16 20.64 7.26
N GLN A 169 9.92 20.55 7.73
CA GLN A 169 9.61 19.78 8.92
C GLN A 169 9.27 18.35 8.53
N LEU A 170 9.91 17.40 9.19
CA LEU A 170 9.65 15.98 9.01
C LEU A 170 8.87 15.44 10.21
N ASP A 171 7.75 14.78 9.94
CA ASP A 171 6.90 14.21 10.98
C ASP A 171 6.88 12.69 10.80
N VAL A 172 7.75 12.01 11.56
CA VAL A 172 7.80 10.55 11.54
C VAL A 172 6.78 9.92 12.48
N GLY A 173 6.07 10.72 13.26
CA GLY A 173 5.08 10.18 14.18
C GLY A 173 5.74 9.49 15.36
N ASN A 174 5.04 8.49 15.89
CA ASN A 174 5.55 7.79 17.05
C ASN A 174 4.90 6.43 17.21
N ASN A 175 5.19 5.51 16.31
CA ASN A 175 4.48 4.25 16.24
C ASN A 175 5.46 3.09 16.39
N PRO A 176 5.28 2.20 17.38
CA PRO A 176 6.16 1.03 17.50
C PRO A 176 5.99 0.01 16.38
N ARG A 177 4.91 0.10 15.61
CA ARG A 177 4.67 -0.83 14.53
C ARG A 177 5.79 -0.71 13.49
N VAL A 178 6.28 -1.84 13.01
CA VAL A 178 7.19 -1.81 11.88
C VAL A 178 6.49 -2.44 10.68
N GLY A 179 6.94 -2.04 9.50
CA GLY A 179 6.34 -2.48 8.26
C GLY A 179 6.40 -3.97 7.98
N THR A 180 5.76 -4.39 6.89
CA THR A 180 5.73 -5.80 6.57
C THR A 180 7.11 -6.20 6.06
N LYS A 181 7.74 -7.16 6.75
CA LYS A 181 9.13 -7.46 6.46
C LYS A 181 9.30 -7.86 5.00
N ARG A 182 8.35 -8.63 4.46
CA ARG A 182 8.45 -9.11 3.09
C ARG A 182 8.66 -7.98 2.09
N TYR A 183 8.14 -6.79 2.37
CA TYR A 183 8.25 -5.68 1.45
C TYR A 183 9.30 -4.65 1.84
N MET A 184 10.15 -4.95 2.82
CA MET A 184 11.06 -3.93 3.32
C MET A 184 12.20 -3.71 2.34
N ALA A 185 12.49 -2.44 2.07
CA ALA A 185 13.59 -2.10 1.18
C ALA A 185 14.91 -2.56 1.79
N PRO A 186 15.93 -2.76 0.96
CA PRO A 186 17.22 -3.19 1.47
C PRO A 186 17.80 -2.26 2.51
N GLU A 187 17.59 -0.95 2.38
CA GLU A 187 18.18 -0.01 3.33
C GLU A 187 17.46 -0.02 4.66
N VAL A 188 16.26 -0.57 4.70
CA VAL A 188 15.57 -0.85 5.95
C VAL A 188 16.16 -2.08 6.61
N LEU A 189 16.37 -3.14 5.82
CA LEU A 189 16.84 -4.40 6.35
C LEU A 189 18.26 -4.31 6.87
N ASP A 190 19.12 -3.53 6.24
CA ASP A 190 20.48 -3.40 6.75
C ASP A 190 20.67 -2.14 7.57
N GLU A 191 19.58 -1.41 7.85
CA GLU A 191 19.55 -0.30 8.82
C GLU A 191 20.50 0.83 8.44
N THR A 192 20.60 1.08 7.14
CA THR A 192 21.34 2.22 6.65
C THR A 192 20.45 3.40 6.32
N ILE A 193 19.14 3.17 6.20
CA ILE A 193 18.24 4.20 5.75
C ILE A 193 18.40 5.44 6.62
N GLN A 194 18.51 6.60 5.97
CA GLN A 194 18.66 7.86 6.68
C GLN A 194 17.28 8.28 7.19
N VAL A 195 17.01 8.00 8.47
CA VAL A 195 15.65 8.13 9.01
C VAL A 195 15.18 9.56 9.20
N ASP A 196 16.06 10.55 9.09
CA ASP A 196 15.71 11.96 9.22
C ASP A 196 15.64 12.66 7.87
N CYS A 197 15.63 11.91 6.77
CA CYS A 197 15.51 12.44 5.43
C CYS A 197 14.22 11.88 4.85
N PHE A 198 13.30 12.79 4.49
CA PHE A 198 11.99 12.35 4.01
C PHE A 198 12.10 11.51 2.75
N ASP A 199 12.97 11.91 1.81
CA ASP A 199 13.12 11.15 0.57
C ASP A 199 13.35 9.67 0.85
N SER A 200 14.04 9.35 1.95
CA SER A 200 14.26 7.96 2.31
C SER A 200 12.95 7.19 2.35
N TYR A 201 11.91 7.80 2.91
CA TYR A 201 10.65 7.08 3.09
C TYR A 201 9.90 6.94 1.78
N LYS A 202 9.94 7.96 0.92
CA LYS A 202 9.40 7.81 -0.42
C LYS A 202 10.09 6.66 -1.16
N ARG A 203 11.42 6.59 -1.06
CA ARG A 203 12.15 5.56 -1.81
C ARG A 203 11.81 4.16 -1.33
N VAL A 204 11.53 4.01 -0.04
CA VAL A 204 11.06 2.75 0.50
C VAL A 204 9.72 2.38 -0.10
N ASP A 205 8.85 3.39 -0.29
CA ASP A 205 7.55 3.19 -0.93
C ASP A 205 7.72 2.70 -2.37
N ILE A 206 8.66 3.27 -3.11
CA ILE A 206 8.88 2.85 -4.50
C ILE A 206 9.35 1.40 -4.55
N TRP A 207 10.22 1.02 -3.62
CA TRP A 207 10.64 -0.37 -3.56
C TRP A 207 9.43 -1.29 -3.42
N ALA A 208 8.57 -1.03 -2.42
CA ALA A 208 7.38 -1.84 -2.25
C ALA A 208 6.47 -1.76 -3.47
N PHE A 209 6.40 -0.59 -4.11
CA PHE A 209 5.55 -0.46 -5.29
C PHE A 209 6.04 -1.35 -6.42
N GLY A 210 7.35 -1.40 -6.64
CA GLY A 210 7.88 -2.31 -7.64
C GLY A 210 7.50 -3.76 -7.36
N LEU A 211 7.45 -4.13 -6.08
CA LEU A 211 7.06 -5.48 -5.70
C LEU A 211 5.59 -5.72 -5.98
N VAL A 212 4.73 -4.74 -5.68
CA VAL A 212 3.32 -4.88 -6.04
C VAL A 212 3.17 -5.00 -7.55
N LEU A 213 3.85 -4.12 -8.29
CA LEU A 213 3.85 -4.16 -9.74
C LEU A 213 4.12 -5.58 -10.25
N TRP A 214 5.17 -6.20 -9.73
CA TRP A 214 5.48 -7.57 -10.08
C TRP A 214 4.29 -8.49 -9.79
N GLU A 215 3.71 -8.38 -8.60
CA GLU A 215 2.61 -9.24 -8.21
C GLU A 215 1.48 -9.19 -9.22
N VAL A 216 1.12 -7.98 -9.67
CA VAL A 216 0.02 -7.78 -10.58
C VAL A 216 0.41 -8.21 -11.99
N ALA A 217 1.62 -7.86 -12.42
CA ALA A 217 2.06 -8.14 -13.78
C ALA A 217 1.95 -9.63 -14.08
N ARG A 218 2.39 -10.47 -13.13
CA ARG A 218 2.30 -11.92 -13.29
C ARG A 218 0.89 -12.37 -13.66
N ARG A 219 -0.13 -11.66 -13.23
CA ARG A 219 -1.50 -12.09 -13.46
C ARG A 219 -2.08 -11.56 -14.76
N MET A 220 -1.30 -10.77 -15.50
CA MET A 220 -1.75 -10.28 -16.79
C MET A 220 -1.47 -11.35 -17.84
N VAL A 221 -2.48 -11.69 -18.62
CA VAL A 221 -2.33 -12.72 -19.64
C VAL A 221 -1.65 -12.11 -20.86
N SER A 222 -0.78 -12.88 -21.49
CA SER A 222 -0.33 -12.57 -22.84
C SER A 222 0.01 -13.89 -23.50
N ASN A 223 -0.41 -14.06 -24.74
CA ASN A 223 -0.14 -15.30 -25.48
C ASN A 223 -0.73 -16.49 -24.74
N GLY A 224 -1.93 -16.31 -24.19
CA GLY A 224 -2.53 -17.32 -23.34
C GLY A 224 -1.69 -17.78 -22.16
N ILE A 225 -0.64 -17.02 -21.81
CA ILE A 225 0.24 -17.36 -20.70
C ILE A 225 -0.03 -16.41 -19.54
N VAL A 226 -0.02 -16.95 -18.32
CA VAL A 226 -0.10 -16.14 -17.11
C VAL A 226 0.63 -16.87 -15.98
N GLU A 227 1.25 -16.12 -15.08
CA GLU A 227 1.88 -16.75 -13.93
C GLU A 227 0.88 -16.87 -12.77
N ASP A 228 1.02 -17.93 -12.00
CA ASP A 228 0.19 -18.10 -10.81
C ASP A 228 0.45 -16.95 -9.85
N TYR A 229 -0.53 -16.64 -9.00
CA TYR A 229 -0.30 -15.60 -8.00
C TYR A 229 0.77 -16.02 -7.01
N LYS A 230 1.79 -15.17 -6.84
CA LYS A 230 2.74 -15.37 -5.76
C LYS A 230 3.03 -14.05 -5.05
N PRO A 231 3.31 -14.09 -3.75
CA PRO A 231 3.86 -12.93 -3.07
C PRO A 231 5.31 -12.74 -3.45
N PRO A 232 5.83 -11.52 -3.38
CA PRO A 232 7.26 -11.30 -3.67
C PRO A 232 8.11 -12.20 -2.79
N PHE A 233 9.15 -12.78 -3.39
CA PHE A 233 10.12 -13.64 -2.71
C PHE A 233 9.50 -14.92 -2.18
N TYR A 234 8.37 -15.33 -2.74
CA TYR A 234 7.74 -16.59 -2.36
C TYR A 234 8.73 -17.75 -2.43
N ASP A 235 9.69 -17.69 -3.34
CA ASP A 235 10.54 -18.84 -3.62
C ASP A 235 11.81 -18.88 -2.78
N VAL A 236 12.10 -17.83 -2.02
CA VAL A 236 13.35 -17.76 -1.28
C VAL A 236 13.17 -17.44 0.19
N VAL A 237 11.94 -17.19 0.65
CA VAL A 237 11.68 -17.00 2.09
C VAL A 237 10.41 -17.72 2.47
N PRO A 238 10.26 -18.06 3.75
CA PRO A 238 9.07 -18.74 4.23
C PRO A 238 7.91 -17.78 4.48
N ASN A 239 6.76 -18.36 4.81
CA ASN A 239 5.67 -17.53 5.32
C ASN A 239 6.14 -16.77 6.55
N ASP A 240 5.65 -15.55 6.72
CA ASP A 240 6.01 -14.71 7.87
C ASP A 240 7.54 -14.63 8.00
N PRO A 241 8.23 -14.10 6.99
CA PRO A 241 9.69 -14.15 7.01
C PRO A 241 10.26 -13.30 8.14
N SER A 242 11.45 -13.67 8.60
CA SER A 242 12.18 -12.89 9.58
C SER A 242 12.98 -11.77 8.91
N PHE A 243 13.44 -10.82 9.72
CA PHE A 243 14.40 -9.81 9.26
C PHE A 243 15.58 -10.47 8.55
N GLU A 244 16.19 -11.45 9.21
CA GLU A 244 17.37 -12.10 8.66
C GLU A 244 17.02 -12.87 7.38
N ASP A 245 15.83 -13.47 7.33
CA ASP A 245 15.38 -14.07 6.07
C ASP A 245 15.41 -13.04 4.95
N MET A 246 14.74 -11.91 5.17
CA MET A 246 14.67 -10.86 4.15
C MET A 246 16.04 -10.26 3.86
N ARG A 247 16.86 -10.05 4.90
CA ARG A 247 18.17 -9.47 4.66
C ARG A 247 19.01 -10.35 3.75
N LYS A 248 19.07 -11.66 4.06
CA LYS A 248 19.89 -12.57 3.27
C LYS A 248 19.50 -12.55 1.80
N VAL A 249 18.21 -12.40 1.52
CA VAL A 249 17.74 -12.44 0.14
C VAL A 249 17.98 -11.09 -0.54
N VAL A 250 17.51 -10.02 0.08
CA VAL A 250 17.47 -8.71 -0.55
C VAL A 250 18.83 -8.03 -0.51
N CYS A 251 19.56 -8.17 0.60
CA CYS A 251 20.83 -7.50 0.80
C CYS A 251 22.01 -8.40 0.49
N VAL A 252 22.09 -9.55 1.16
CA VAL A 252 23.28 -10.39 1.04
C VAL A 252 23.39 -10.95 -0.37
N ASP A 253 22.31 -11.50 -0.89
CA ASP A 253 22.31 -12.11 -2.20
C ASP A 253 21.76 -11.16 -3.27
N GLN A 254 21.57 -9.89 -2.94
CA GLN A 254 21.02 -8.87 -3.84
C GLN A 254 19.98 -9.41 -4.82
N GLN A 255 19.02 -10.21 -4.33
CA GLN A 255 18.02 -10.82 -5.19
C GLN A 255 16.82 -9.92 -5.40
N ARG A 256 16.22 -10.03 -6.57
CA ARG A 256 15.00 -9.34 -6.94
C ARG A 256 14.06 -10.37 -7.54
N PRO A 257 12.77 -10.07 -7.60
CA PRO A 257 11.84 -11.03 -8.21
C PRO A 257 12.19 -11.26 -9.67
N ASN A 258 12.11 -12.51 -10.10
CA ASN A 258 12.49 -12.85 -11.47
C ASN A 258 11.49 -12.29 -12.46
N ILE A 259 11.99 -11.79 -13.58
CA ILE A 259 11.14 -11.35 -14.69
C ILE A 259 10.86 -12.57 -15.56
N PRO A 260 9.61 -13.00 -15.69
CA PRO A 260 9.30 -14.12 -16.58
C PRO A 260 9.72 -13.81 -18.02
N ASN A 261 10.32 -14.79 -18.69
CA ASN A 261 10.75 -14.56 -20.07
C ASN A 261 9.60 -14.11 -20.95
N ARG A 262 8.39 -14.65 -20.73
CA ARG A 262 7.28 -14.35 -21.61
C ARG A 262 6.90 -12.88 -21.59
N TRP A 263 7.22 -12.15 -20.51
CA TRP A 263 6.91 -10.72 -20.46
C TRP A 263 7.52 -9.97 -21.65
N PHE A 264 8.73 -10.36 -22.08
CA PHE A 264 9.33 -9.69 -23.21
C PHE A 264 8.54 -9.89 -24.49
N SER A 265 7.51 -10.74 -24.46
CA SER A 265 6.64 -10.97 -25.61
C SER A 265 5.44 -10.07 -25.63
N ASP A 266 5.29 -9.20 -24.64
CA ASP A 266 4.16 -8.29 -24.56
C ASP A 266 4.73 -6.90 -24.34
N PRO A 267 4.43 -5.93 -25.20
CA PRO A 267 5.01 -4.58 -25.02
C PRO A 267 4.62 -3.94 -23.68
N THR A 268 3.42 -4.21 -23.19
CA THR A 268 3.02 -3.69 -21.88
C THR A 268 3.84 -4.33 -20.76
N LEU A 269 3.88 -5.66 -20.71
CA LEU A 269 4.66 -6.31 -19.67
C LEU A 269 6.14 -5.95 -19.75
N THR A 270 6.68 -5.78 -20.95
CA THR A 270 8.07 -5.35 -21.06
C THR A 270 8.28 -3.98 -20.44
N SER A 271 7.39 -3.02 -20.74
CA SER A 271 7.49 -1.70 -20.11
C SER A 271 7.39 -1.82 -18.60
N LEU A 272 6.48 -2.66 -18.10
CA LEU A 272 6.31 -2.81 -16.67
C LEU A 272 7.52 -3.49 -16.03
N ALA A 273 8.08 -4.49 -16.69
CA ALA A 273 9.31 -5.12 -16.20
C ALA A 273 10.40 -4.08 -16.01
N LYS A 274 10.62 -3.22 -17.01
CA LYS A 274 11.63 -2.19 -16.86
C LYS A 274 11.30 -1.23 -15.72
N LEU A 275 10.03 -0.82 -15.64
CA LEU A 275 9.55 0.02 -14.55
C LEU A 275 9.90 -0.57 -13.19
N MET A 276 9.49 -1.82 -12.93
CA MET A 276 9.68 -2.39 -11.59
C MET A 276 11.17 -2.58 -11.28
N LYS A 277 11.98 -2.92 -12.28
CA LYS A 277 13.42 -3.04 -12.02
C LYS A 277 14.02 -1.71 -11.62
N GLU A 278 13.48 -0.59 -12.11
CA GLU A 278 13.91 0.74 -11.72
C GLU A 278 13.33 1.18 -10.37
N CYS A 279 12.53 0.32 -9.74
CA CYS A 279 12.09 0.50 -8.37
C CYS A 279 12.94 -0.28 -7.38
N TRP A 280 13.81 -1.14 -7.88
CA TRP A 280 14.46 -2.16 -7.07
C TRP A 280 15.94 -1.92 -6.89
N TYR A 281 16.45 -0.78 -7.34
CA TYR A 281 17.88 -0.54 -7.18
C TYR A 281 18.24 -0.61 -5.71
N GLN A 282 19.34 -1.29 -5.40
CA GLN A 282 19.86 -1.25 -4.04
C GLN A 282 20.15 0.18 -3.62
N ASN A 283 20.69 0.99 -4.53
CA ASN A 283 20.88 2.42 -4.29
C ASN A 283 19.52 3.12 -4.26
N PRO A 284 19.05 3.58 -3.10
CA PRO A 284 17.70 4.16 -3.04
C PRO A 284 17.51 5.35 -3.97
N SER A 285 18.54 6.18 -4.16
CA SER A 285 18.37 7.38 -4.95
C SER A 285 18.31 7.11 -6.45
N ALA A 286 18.65 5.91 -6.91
CA ALA A 286 18.47 5.57 -8.32
C ALA A 286 17.04 5.16 -8.64
N ARG A 287 16.21 4.88 -7.63
CA ARG A 287 14.86 4.41 -7.92
C ARG A 287 14.04 5.51 -8.57
N LEU A 288 13.07 5.11 -9.40
CA LEU A 288 12.15 6.08 -9.98
C LEU A 288 11.31 6.74 -8.89
N THR A 289 10.80 7.93 -9.19
CA THR A 289 9.85 8.58 -8.32
C THR A 289 8.43 8.13 -8.66
N ALA A 290 7.53 8.36 -7.70
CA ALA A 290 6.12 8.03 -7.92
C ALA A 290 5.57 8.74 -9.15
N LEU A 291 5.87 10.03 -9.28
CA LEU A 291 5.32 10.77 -10.41
C LEU A 291 5.85 10.23 -11.72
N ARG A 292 7.15 9.93 -11.78
CA ARG A 292 7.75 9.38 -12.99
C ARG A 292 7.13 8.03 -13.31
N ILE A 293 6.87 7.21 -12.30
CA ILE A 293 6.18 5.95 -12.54
C ILE A 293 4.79 6.23 -13.12
N LYS A 294 4.05 7.14 -12.47
CA LYS A 294 2.73 7.52 -12.96
C LYS A 294 2.80 8.00 -14.41
N LYS A 295 3.78 8.86 -14.73
CA LYS A 295 3.86 9.39 -16.08
C LYS A 295 4.16 8.27 -17.08
N THR A 296 5.08 7.37 -16.72
CA THR A 296 5.45 6.26 -17.60
C THR A 296 4.27 5.33 -17.81
N LEU A 297 3.63 4.91 -16.73
CA LEU A 297 2.44 4.07 -16.84
C LEU A 297 1.35 4.74 -17.63
N THR A 298 1.33 6.06 -17.69
CA THR A 298 0.29 6.75 -18.43
C THR A 298 0.56 6.80 -19.93
N LYS A 299 1.81 6.67 -20.35
CA LYS A 299 2.13 6.58 -21.78
C LYS A 299 1.98 5.18 -22.34
N ILE A 300 1.85 4.16 -21.49
CA ILE A 300 1.67 2.80 -21.97
C ILE A 300 0.23 2.59 -22.44
N ASP A 301 0.04 1.56 -23.28
CA ASP A 301 -1.32 1.16 -23.69
C ASP A 301 -1.42 -0.34 -24.00
#